data_8YVH
#
_entry.id   8YVH
#
_cell.length_a   37.398
_cell.length_b   117.950
_cell.length_c   63.529
_cell.angle_alpha   90.00
_cell.angle_beta   100.89
_cell.angle_gamma   90.00
#
_symmetry.space_group_name_H-M   'P 1 21 1'
#
loop_
_entity.id
_entity.type
_entity.pdbx_description
1 polymer Oxidoreductase
2 non-polymer 'NADP NICOTINAMIDE-ADENINE-DINUCLEOTIDE PHOSPHATE'
3 non-polymer 2-AMINO-2-HYDROXYMETHYL-PROPANE-1,3-DIOL
4 water water
#
_entity_poly.entity_id   1
_entity_poly.type   'polypeptide(L)'
_entity_poly.pdbx_seq_one_letter_code
;MGSSHHHHHHSSGENLYFQGMSSSNKPHVSLIGLGNMGLAIANCLIKSGCKLTVWNRSAEKAASLVPQGATVAATPAECV
ASSPTIVICLLNQDVVQQTLDEVIDLSGKTIINLTNGTPQQAVKVATLVQQRGAESYIHGAIMTTPEYLGQPSSVTLISG
PKTAYESQKELLSSIGTTRHVSDDIAKASLLDNALLSVMSGVFEGWVQALAIVGAAGEDEVDFAALASPLVASMADQLPV
IAGRVREKQYVGGSPITMGLEALENISETSRELGVGVLLGSMREVMSEAVKKGKGGESIAGLVPMLTELDKKW
;
_entity_poly.pdbx_strand_id   A,B
#
# COMPACT_ATOMS: atom_id res chain seq x y z
N MET A 21 -26.25 -23.86 13.87
CA MET A 21 -26.10 -24.74 15.07
C MET A 21 -26.91 -26.00 14.80
N SER A 22 -26.27 -27.16 14.89
CA SER A 22 -26.83 -28.45 14.41
C SER A 22 -27.90 -28.98 15.36
N SER A 23 -27.85 -28.66 16.67
CA SER A 23 -28.80 -29.24 17.66
C SER A 23 -30.17 -28.53 17.58
N SER A 24 -31.24 -29.29 17.81
CA SER A 24 -32.63 -28.78 17.98
C SER A 24 -32.70 -28.03 19.30
N ASN A 25 -31.83 -28.39 20.25
CA ASN A 25 -31.60 -27.71 21.56
C ASN A 25 -30.56 -26.59 21.35
N LYS A 26 -31.05 -25.36 21.20
CA LYS A 26 -30.25 -24.19 20.80
C LYS A 26 -29.46 -23.69 22.00
N PRO A 27 -28.14 -23.45 21.85
CA PRO A 27 -27.31 -23.00 22.98
C PRO A 27 -27.53 -21.51 23.29
N HIS A 28 -27.27 -21.16 24.55
CA HIS A 28 -27.36 -19.77 25.07
C HIS A 28 -26.03 -19.08 24.77
N VAL A 29 -26.10 -17.91 24.15
CA VAL A 29 -24.93 -17.04 23.85
C VAL A 29 -25.28 -15.60 24.26
N SER A 30 -24.40 -14.93 24.98
CA SER A 30 -24.55 -13.49 25.28
C SER A 30 -23.67 -12.68 24.32
N LEU A 31 -24.12 -11.49 23.94
CA LEU A 31 -23.34 -10.53 23.10
C LEU A 31 -23.30 -9.16 23.79
N ILE A 32 -22.11 -8.61 23.99
CA ILE A 32 -21.88 -7.25 24.56
C ILE A 32 -21.39 -6.36 23.41
N GLY A 33 -22.20 -5.36 23.02
CA GLY A 33 -21.87 -4.45 21.92
C GLY A 33 -22.79 -4.62 20.73
N LEU A 34 -23.49 -3.55 20.35
CA LEU A 34 -24.45 -3.57 19.21
C LEU A 34 -24.22 -2.36 18.31
N GLY A 35 -22.95 -2.02 18.02
CA GLY A 35 -22.56 -1.15 16.89
C GLY A 35 -22.72 -1.87 15.55
N ASN A 36 -22.13 -1.35 14.47
CA ASN A 36 -22.30 -1.94 13.11
C ASN A 36 -21.83 -3.40 13.09
N MET A 37 -20.70 -3.71 13.71
CA MET A 37 -20.17 -5.09 13.70
C MET A 37 -20.94 -5.91 14.74
N GLY A 38 -21.15 -5.38 15.95
CA GLY A 38 -21.90 -6.09 16.99
C GLY A 38 -23.29 -6.53 16.49
N LEU A 39 -24.00 -5.65 15.76
CA LEU A 39 -25.36 -5.96 15.26
C LEU A 39 -25.25 -7.02 14.15
N ALA A 40 -24.22 -6.95 13.31
CA ALA A 40 -23.90 -8.01 12.31
C ALA A 40 -23.65 -9.34 13.04
N ILE A 41 -22.89 -9.33 14.14
CA ILE A 41 -22.63 -10.58 14.91
C ILE A 41 -23.96 -11.12 15.45
N ALA A 42 -24.77 -10.26 16.08
CA ALA A 42 -26.10 -10.62 16.62
C ALA A 42 -26.91 -11.39 15.56
N ASN A 43 -27.05 -10.80 14.38
CA ASN A 43 -27.86 -11.38 13.27
C ASN A 43 -27.25 -12.70 12.84
N CYS A 44 -25.93 -12.83 12.76
CA CYS A 44 -25.27 -14.12 12.49
C CYS A 44 -25.65 -15.15 13.56
N LEU A 45 -25.61 -14.79 14.84
CA LEU A 45 -25.87 -15.75 15.95
C LEU A 45 -27.37 -16.10 15.98
N ILE A 46 -28.27 -15.13 15.78
CA ILE A 46 -29.74 -15.39 15.72
C ILE A 46 -30.02 -16.30 14.51
N LYS A 47 -29.39 -16.05 13.36
CA LYS A 47 -29.62 -16.81 12.10
C LYS A 47 -29.14 -18.27 12.29
N SER A 48 -28.12 -18.49 13.11
CA SER A 48 -27.59 -19.85 13.43
C SER A 48 -28.45 -20.54 14.50
N GLY A 49 -29.50 -19.90 15.01
CA GLY A 49 -30.45 -20.52 15.94
C GLY A 49 -30.14 -20.30 17.42
N CYS A 50 -29.03 -19.66 17.79
CA CYS A 50 -28.65 -19.40 19.21
C CYS A 50 -29.81 -18.72 19.99
N LYS A 51 -29.99 -19.05 21.26
CA LYS A 51 -30.74 -18.25 22.26
C LYS A 51 -29.87 -17.07 22.71
N LEU A 52 -30.12 -15.88 22.14
CA LEU A 52 -29.17 -14.74 22.25
C LEU A 52 -29.65 -13.75 23.31
N THR A 53 -28.78 -13.42 24.25
CA THR A 53 -28.97 -12.31 25.21
C THR A 53 -28.01 -11.20 24.83
N VAL A 54 -28.48 -9.95 24.68
CA VAL A 54 -27.62 -8.82 24.26
C VAL A 54 -27.59 -7.75 25.37
N TRP A 55 -26.49 -7.00 25.40
CA TRP A 55 -26.39 -5.70 26.11
C TRP A 55 -25.70 -4.70 25.19
N ASN A 56 -26.10 -3.45 25.30
CA ASN A 56 -25.42 -2.30 24.64
C ASN A 56 -25.66 -1.05 25.50
N ARG A 57 -24.67 -0.16 25.62
CA ARG A 57 -24.85 1.14 26.32
C ARG A 57 -26.15 1.79 25.84
N SER A 58 -26.30 1.93 24.53
CA SER A 58 -27.54 2.45 23.90
C SER A 58 -28.50 1.27 23.69
N ALA A 59 -29.38 1.01 24.67
CA ALA A 59 -30.13 -0.28 24.77
C ALA A 59 -31.00 -0.46 23.52
N GLU A 60 -31.49 0.65 22.92
CA GLU A 60 -32.50 0.67 21.83
C GLU A 60 -31.91 0.12 20.51
N LYS A 61 -30.60 0.00 20.37
CA LYS A 61 -29.99 -0.67 19.17
C LYS A 61 -30.34 -2.16 19.17
N ALA A 62 -30.87 -2.73 20.26
CA ALA A 62 -31.34 -4.13 20.30
C ALA A 62 -32.71 -4.27 19.62
N ALA A 63 -33.40 -3.15 19.30
CA ALA A 63 -34.83 -3.12 18.91
C ALA A 63 -35.10 -4.06 17.73
N SER A 64 -34.22 -4.09 16.72
CA SER A 64 -34.34 -4.95 15.50
C SER A 64 -34.11 -6.44 15.81
N LEU A 65 -33.56 -6.80 16.97
CA LEU A 65 -33.23 -8.21 17.31
C LEU A 65 -34.38 -8.83 18.11
N VAL A 66 -35.18 -8.00 18.76
CA VAL A 66 -36.24 -8.45 19.70
C VAL A 66 -37.29 -9.23 18.93
N PRO A 67 -37.82 -8.75 17.78
CA PRO A 67 -38.75 -9.56 16.99
C PRO A 67 -38.11 -10.81 16.39
N GLN A 68 -36.78 -10.96 16.47
CA GLN A 68 -36.06 -12.18 16.02
C GLN A 68 -35.87 -13.15 17.21
N GLY A 69 -36.23 -12.78 18.44
CA GLY A 69 -36.19 -13.70 19.60
C GLY A 69 -35.05 -13.37 20.57
N ALA A 70 -34.34 -12.28 20.37
CA ALA A 70 -33.25 -11.82 21.27
C ALA A 70 -33.86 -11.27 22.57
N THR A 71 -33.22 -11.59 23.69
CA THR A 71 -33.49 -11.03 25.03
C THR A 71 -32.52 -9.87 25.27
N VAL A 72 -33.02 -8.78 25.83
CA VAL A 72 -32.19 -7.60 26.17
C VAL A 72 -31.98 -7.63 27.69
N ALA A 73 -30.73 -7.69 28.12
CA ALA A 73 -30.30 -7.64 29.54
C ALA A 73 -30.11 -6.17 29.93
N ALA A 74 -30.46 -5.83 31.17
CA ALA A 74 -30.41 -4.45 31.71
C ALA A 74 -28.96 -4.00 31.79
N THR A 75 -28.08 -4.90 32.24
CA THR A 75 -26.67 -4.62 32.61
C THR A 75 -25.74 -5.64 31.98
N PRO A 76 -24.43 -5.31 31.85
CA PRO A 76 -23.43 -6.29 31.45
C PRO A 76 -23.42 -7.53 32.34
N ALA A 77 -23.49 -7.34 33.68
CA ALA A 77 -23.54 -8.44 34.67
C ALA A 77 -24.71 -9.38 34.35
N GLU A 78 -25.88 -8.81 34.06
CA GLU A 78 -27.10 -9.61 33.80
C GLU A 78 -26.87 -10.35 32.48
N CYS A 79 -26.27 -9.66 31.52
CA CYS A 79 -25.98 -10.22 30.19
C CYS A 79 -25.08 -11.43 30.39
N VAL A 80 -24.02 -11.28 31.17
CA VAL A 80 -23.03 -12.38 31.39
C VAL A 80 -23.67 -13.56 32.15
N ALA A 81 -24.61 -13.28 33.05
CA ALA A 81 -25.30 -14.33 33.85
C ALA A 81 -26.16 -15.22 32.93
N SER A 82 -26.57 -14.76 31.74
CA SER A 82 -27.60 -15.40 30.87
C SER A 82 -27.06 -16.54 30.01
N SER A 83 -25.73 -16.63 29.85
CA SER A 83 -25.09 -17.57 28.88
C SER A 83 -23.75 -18.04 29.41
N PRO A 84 -23.33 -19.27 29.05
CA PRO A 84 -21.99 -19.77 29.36
C PRO A 84 -20.92 -19.20 28.44
N THR A 85 -21.34 -18.61 27.30
CA THR A 85 -20.46 -18.09 26.24
C THR A 85 -20.75 -16.61 26.03
N ILE A 86 -19.73 -15.76 26.19
CA ILE A 86 -19.84 -14.28 26.08
C ILE A 86 -19.02 -13.80 24.88
N VAL A 87 -19.68 -13.19 23.91
CA VAL A 87 -19.03 -12.56 22.72
C VAL A 87 -19.05 -11.06 22.97
N ILE A 88 -17.91 -10.42 22.80
CA ILE A 88 -17.73 -8.96 23.01
C ILE A 88 -17.24 -8.34 21.72
N CYS A 89 -17.89 -7.26 21.31
CA CYS A 89 -17.48 -6.47 20.12
C CYS A 89 -17.80 -5.00 20.38
N LEU A 90 -16.84 -4.32 21.00
CA LEU A 90 -16.98 -2.92 21.47
C LEU A 90 -15.98 -2.06 20.69
N LEU A 91 -16.07 -0.73 20.85
CA LEU A 91 -15.23 0.26 20.13
C LEU A 91 -13.75 -0.11 20.23
N ASN A 92 -13.27 -0.35 21.44
CA ASN A 92 -11.83 -0.54 21.70
C ASN A 92 -11.69 -1.33 23.00
N GLN A 93 -10.48 -1.73 23.37
CA GLN A 93 -10.22 -2.60 24.56
C GLN A 93 -10.40 -1.81 25.86
N ASP A 94 -10.29 -0.47 25.83
CA ASP A 94 -10.57 0.35 27.05
C ASP A 94 -12.08 0.26 27.39
N VAL A 95 -12.96 0.52 26.42
CA VAL A 95 -14.44 0.36 26.60
C VAL A 95 -14.75 -1.08 27.07
N VAL A 96 -13.98 -2.08 26.63
CA VAL A 96 -14.19 -3.50 27.03
C VAL A 96 -14.00 -3.60 28.54
N GLN A 97 -12.86 -3.08 29.02
CA GLN A 97 -12.50 -3.01 30.46
C GLN A 97 -13.56 -2.22 31.23
N GLN A 98 -13.96 -1.05 30.73
CA GLN A 98 -14.98 -0.20 31.39
C GLN A 98 -16.30 -1.00 31.54
N THR A 99 -16.64 -1.78 30.52
CA THR A 99 -17.93 -2.53 30.48
C THR A 99 -17.89 -3.73 31.43
N LEU A 100 -16.74 -4.35 31.63
CA LEU A 100 -16.58 -5.52 32.54
C LEU A 100 -16.40 -5.03 34.00
N ASP A 101 -16.31 -3.72 34.20
CA ASP A 101 -15.96 -3.14 35.54
C ASP A 101 -16.79 -3.81 36.63
N GLU A 102 -18.12 -3.81 36.51
CA GLU A 102 -19.05 -4.24 37.59
C GLU A 102 -19.54 -5.68 37.38
N VAL A 103 -18.89 -6.42 36.46
CA VAL A 103 -19.03 -7.90 36.33
C VAL A 103 -18.12 -8.55 37.40
N ILE A 104 -18.71 -9.27 38.34
CA ILE A 104 -18.02 -9.81 39.54
C ILE A 104 -17.47 -11.20 39.20
N ASP A 105 -18.29 -12.00 38.52
CA ASP A 105 -18.08 -13.47 38.48
C ASP A 105 -18.23 -13.97 37.04
N LEU A 106 -17.15 -14.56 36.53
CA LEU A 106 -17.08 -15.17 35.18
C LEU A 106 -16.85 -16.67 35.29
N SER A 107 -17.00 -17.24 36.50
CA SER A 107 -16.92 -18.72 36.71
C SER A 107 -17.76 -19.44 35.65
N GLY A 108 -17.14 -20.41 34.97
CA GLY A 108 -17.77 -21.23 33.91
C GLY A 108 -18.04 -20.44 32.63
N LYS A 109 -17.53 -19.21 32.49
CA LYS A 109 -17.80 -18.41 31.27
C LYS A 109 -16.61 -18.55 30.32
N THR A 110 -16.90 -18.75 29.02
CA THR A 110 -15.91 -18.59 27.94
C THR A 110 -16.13 -17.22 27.30
N ILE A 111 -15.06 -16.42 27.23
CA ILE A 111 -15.05 -15.03 26.68
C ILE A 111 -14.41 -15.09 25.29
N ILE A 112 -15.17 -14.64 24.27
CA ILE A 112 -14.74 -14.50 22.86
C ILE A 112 -14.73 -13.00 22.57
N ASN A 113 -13.55 -12.41 22.54
CA ASN A 113 -13.41 -10.95 22.32
C ASN A 113 -13.08 -10.71 20.85
N LEU A 114 -13.99 -10.05 20.12
CA LEU A 114 -13.81 -9.64 18.70
C LEU A 114 -13.60 -8.12 18.57
N THR A 115 -13.32 -7.44 19.69
CA THR A 115 -12.90 -6.01 19.73
C THR A 115 -11.46 -5.87 19.24
N ASN A 116 -11.19 -4.96 18.31
CA ASN A 116 -9.83 -4.78 17.75
C ASN A 116 -9.01 -4.06 18.80
N GLY A 117 -7.72 -4.38 18.88
CA GLY A 117 -6.80 -3.70 19.79
C GLY A 117 -5.38 -4.20 19.58
N THR A 118 -4.49 -3.84 20.49
CA THR A 118 -3.05 -4.16 20.40
C THR A 118 -2.84 -5.51 21.06
N PRO A 119 -1.70 -6.19 20.78
CA PRO A 119 -1.33 -7.40 21.53
C PRO A 119 -1.43 -7.29 23.07
N GLN A 120 -0.86 -6.26 23.67
CA GLN A 120 -0.80 -6.13 25.16
C GLN A 120 -2.18 -5.71 25.71
N GLN A 121 -3.04 -5.05 24.91
CA GLN A 121 -4.43 -4.75 25.35
C GLN A 121 -5.16 -6.10 25.53
N ALA A 122 -4.93 -7.07 24.64
CA ALA A 122 -5.54 -8.41 24.71
C ALA A 122 -5.04 -9.11 25.98
N VAL A 123 -3.75 -8.97 26.30
CA VAL A 123 -3.13 -9.55 27.53
C VAL A 123 -3.87 -8.97 28.74
N LYS A 124 -4.00 -7.65 28.80
CA LYS A 124 -4.64 -6.88 29.90
C LYS A 124 -6.12 -7.30 30.07
N VAL A 125 -6.87 -7.45 28.98
CA VAL A 125 -8.28 -7.93 29.07
C VAL A 125 -8.28 -9.39 29.53
N ALA A 126 -7.39 -10.23 29.02
CA ALA A 126 -7.31 -11.68 29.38
C ALA A 126 -7.10 -11.87 30.89
N THR A 127 -6.40 -10.93 31.55
CA THR A 127 -6.17 -10.90 33.01
C THR A 127 -7.41 -10.37 33.75
N LEU A 128 -8.13 -9.37 33.22
CA LEU A 128 -9.43 -8.94 33.82
C LEU A 128 -10.32 -10.19 33.94
N VAL A 129 -10.51 -10.96 32.86
CA VAL A 129 -11.53 -12.06 32.88
C VAL A 129 -10.97 -13.25 33.69
N GLN A 130 -9.67 -13.52 33.63
CA GLN A 130 -9.06 -14.61 34.43
C GLN A 130 -9.27 -14.35 35.93
N GLN A 131 -9.02 -13.12 36.38
CA GLN A 131 -9.20 -12.67 37.78
C GLN A 131 -10.64 -12.85 38.23
N ARG A 132 -11.61 -12.66 37.32
CA ARG A 132 -13.06 -12.89 37.57
C ARG A 132 -13.39 -14.38 37.54
N GLY A 133 -12.45 -15.25 37.13
CA GLY A 133 -12.60 -16.72 37.13
C GLY A 133 -13.18 -17.27 35.83
N ALA A 134 -13.06 -16.53 34.74
CA ALA A 134 -13.49 -16.97 33.38
C ALA A 134 -12.85 -18.33 33.08
N GLU A 135 -13.59 -19.23 32.45
CA GLU A 135 -13.09 -20.56 32.02
C GLU A 135 -11.94 -20.39 31.00
N SER A 136 -12.09 -19.50 30.02
CA SER A 136 -11.05 -19.20 29.02
C SER A 136 -11.40 -17.91 28.29
N TYR A 137 -10.37 -17.38 27.62
CA TYR A 137 -10.36 -16.18 26.76
C TYR A 137 -9.78 -16.61 25.42
N ILE A 138 -10.50 -16.34 24.34
CA ILE A 138 -9.93 -16.33 22.97
C ILE A 138 -10.25 -14.97 22.36
N HIS A 139 -9.36 -14.52 21.50
CA HIS A 139 -9.47 -13.27 20.73
C HIS A 139 -9.68 -13.59 19.27
N GLY A 140 -10.55 -12.83 18.60
CA GLY A 140 -10.86 -12.95 17.17
C GLY A 140 -10.59 -11.63 16.47
N ALA A 141 -9.93 -11.65 15.32
CA ALA A 141 -9.80 -10.48 14.43
C ALA A 141 -10.60 -10.77 13.17
N ILE A 142 -11.75 -10.10 13.07
CA ILE A 142 -12.68 -10.21 11.91
C ILE A 142 -12.02 -9.49 10.74
N MET A 143 -11.75 -10.19 9.64
CA MET A 143 -11.03 -9.64 8.46
C MET A 143 -12.01 -9.37 7.32
N THR A 144 -13.12 -8.72 7.67
CA THR A 144 -14.16 -8.27 6.70
C THR A 144 -15.05 -7.21 7.35
N THR A 145 -16.01 -6.69 6.58
CA THR A 145 -16.94 -5.62 6.99
C THR A 145 -18.23 -6.30 7.44
N PRO A 146 -19.08 -5.61 8.23
CA PRO A 146 -20.31 -6.20 8.76
C PRO A 146 -21.23 -6.88 7.74
N GLU A 147 -21.37 -6.28 6.56
CA GLU A 147 -22.28 -6.75 5.46
C GLU A 147 -21.84 -8.14 4.98
N TYR A 148 -20.56 -8.52 5.06
CA TYR A 148 -20.08 -9.84 4.56
C TYR A 148 -19.96 -10.86 5.71
N LEU A 149 -20.22 -10.44 6.95
CA LEU A 149 -20.09 -11.35 8.12
C LEU A 149 -21.10 -12.50 7.94
N GLY A 150 -20.66 -13.74 8.13
CA GLY A 150 -21.50 -14.95 8.11
C GLY A 150 -21.33 -15.75 6.82
N GLN A 151 -20.84 -15.14 5.75
CA GLN A 151 -20.38 -15.83 4.51
C GLN A 151 -19.13 -16.65 4.81
N PRO A 152 -19.01 -17.91 4.33
CA PRO A 152 -17.86 -18.75 4.67
C PRO A 152 -16.56 -18.21 4.07
N SER A 153 -16.65 -17.34 3.07
CA SER A 153 -15.51 -16.59 2.48
C SER A 153 -14.98 -15.54 3.46
N SER A 154 -15.73 -15.18 4.50
CA SER A 154 -15.35 -14.18 5.54
C SER A 154 -14.53 -14.86 6.64
N VAL A 155 -13.29 -14.44 6.82
CA VAL A 155 -12.29 -15.12 7.70
C VAL A 155 -12.08 -14.30 8.96
N THR A 156 -12.12 -14.97 10.11
CA THR A 156 -11.75 -14.42 11.42
C THR A 156 -10.55 -15.20 11.96
N LEU A 157 -9.45 -14.52 12.24
CA LEU A 157 -8.30 -15.12 12.97
C LEU A 157 -8.67 -15.24 14.45
N ILE A 158 -8.35 -16.38 15.04
CA ILE A 158 -8.62 -16.67 16.47
C ILE A 158 -7.27 -17.01 17.11
N SER A 159 -6.96 -16.42 18.26
CA SER A 159 -5.78 -16.83 19.07
C SER A 159 -6.24 -17.14 20.49
N GLY A 160 -5.58 -18.07 21.17
CA GLY A 160 -6.00 -18.57 22.49
C GLY A 160 -5.93 -20.09 22.57
N PRO A 161 -6.20 -20.63 23.78
CA PRO A 161 -6.20 -22.08 24.02
C PRO A 161 -6.90 -22.88 22.90
N LYS A 162 -6.17 -23.79 22.26
CA LYS A 162 -6.70 -24.59 21.11
C LYS A 162 -7.94 -25.37 21.57
N THR A 163 -7.98 -25.87 22.82
CA THR A 163 -9.18 -26.60 23.32
C THR A 163 -10.40 -25.65 23.38
N ALA A 164 -10.24 -24.38 23.78
CA ALA A 164 -11.36 -23.41 23.83
C ALA A 164 -11.82 -23.11 22.40
N TYR A 165 -10.89 -22.81 21.50
CA TYR A 165 -11.14 -22.70 20.03
C TYR A 165 -11.99 -23.88 19.53
N GLU A 166 -11.53 -25.11 19.76
CA GLU A 166 -12.21 -26.35 19.29
C GLU A 166 -13.67 -26.38 19.77
N SER A 167 -13.90 -26.10 21.07
CA SER A 167 -15.25 -26.09 21.71
C SER A 167 -16.16 -25.03 21.06
N GLN A 168 -15.61 -23.91 20.61
CA GLN A 168 -16.39 -22.73 20.17
C GLN A 168 -16.49 -22.70 18.64
N LYS A 169 -15.92 -23.72 17.99
CA LYS A 169 -15.76 -23.73 16.52
C LYS A 169 -17.13 -23.66 15.86
N GLU A 170 -18.05 -24.53 16.28
CA GLU A 170 -19.39 -24.59 15.65
C GLU A 170 -20.05 -23.23 15.83
N LEU A 171 -20.07 -22.71 17.07
CA LEU A 171 -20.69 -21.40 17.37
C LEU A 171 -20.06 -20.35 16.45
N LEU A 172 -18.73 -20.39 16.31
CA LEU A 172 -17.96 -19.37 15.53
C LEU A 172 -18.26 -19.49 14.03
N SER A 173 -18.62 -20.67 13.54
CA SER A 173 -18.95 -20.87 12.10
C SER A 173 -20.14 -19.99 11.71
N SER A 174 -20.93 -19.50 12.68
CA SER A 174 -22.00 -18.49 12.48
C SER A 174 -21.50 -17.22 11.77
N ILE A 175 -20.25 -16.79 11.99
CA ILE A 175 -19.73 -15.49 11.47
C ILE A 175 -18.80 -15.74 10.29
N GLY A 176 -18.66 -16.99 9.87
CA GLY A 176 -17.98 -17.39 8.63
C GLY A 176 -16.91 -18.41 8.93
N THR A 177 -15.74 -18.27 8.31
CA THR A 177 -14.63 -19.24 8.42
C THR A 177 -13.67 -18.69 9.47
N THR A 178 -13.27 -19.50 10.45
CA THR A 178 -12.26 -19.11 11.47
C THR A 178 -10.96 -19.85 11.17
N ARG A 179 -9.84 -19.25 11.55
CA ARG A 179 -8.49 -19.81 11.37
C ARG A 179 -7.78 -19.63 12.70
N HIS A 180 -7.51 -20.74 13.40
CA HIS A 180 -6.74 -20.69 14.67
C HIS A 180 -5.28 -20.43 14.35
N VAL A 181 -4.77 -19.24 14.71
CA VAL A 181 -3.39 -18.81 14.30
C VAL A 181 -2.37 -19.16 15.39
N SER A 182 -2.79 -19.28 16.65
CA SER A 182 -1.86 -19.43 17.78
C SER A 182 -2.60 -19.70 19.10
N ASP A 183 -1.95 -20.45 20.01
CA ASP A 183 -2.41 -20.66 21.41
C ASP A 183 -2.18 -19.38 22.24
N ASP A 184 -1.31 -18.48 21.79
CA ASP A 184 -1.07 -17.17 22.50
C ASP A 184 -2.22 -16.20 22.16
N ILE A 185 -2.98 -15.77 23.18
CA ILE A 185 -4.18 -14.88 23.03
C ILE A 185 -3.82 -13.55 22.33
N ALA A 186 -2.59 -13.03 22.44
CA ALA A 186 -2.14 -11.75 21.82
C ALA A 186 -1.92 -11.84 20.30
N LYS A 187 -1.89 -13.03 19.70
CA LYS A 187 -1.39 -13.22 18.32
C LYS A 187 -2.39 -12.71 17.26
N ALA A 188 -3.70 -12.92 17.43
CA ALA A 188 -4.72 -12.47 16.46
C ALA A 188 -4.53 -10.95 16.28
N SER A 189 -4.36 -10.22 17.38
CA SER A 189 -4.17 -8.75 17.38
C SER A 189 -2.82 -8.41 16.74
N LEU A 190 -1.77 -9.17 17.03
CA LEU A 190 -0.44 -8.87 16.42
C LEU A 190 -0.58 -8.97 14.90
N LEU A 191 -1.12 -10.10 14.42
CA LEU A 191 -1.16 -10.38 12.98
C LEU A 191 -2.12 -9.42 12.28
N ASP A 192 -3.24 -9.09 12.92
CA ASP A 192 -4.27 -8.21 12.31
C ASP A 192 -3.71 -6.80 12.14
N ASN A 193 -3.04 -6.26 13.17
CA ASN A 193 -2.37 -4.94 13.08
C ASN A 193 -1.31 -4.98 11.97
N ALA A 194 -0.50 -6.03 11.87
CA ALA A 194 0.48 -6.16 10.77
C ALA A 194 -0.26 -6.14 9.43
N LEU A 195 -1.36 -6.90 9.29
CA LEU A 195 -2.16 -6.91 8.03
C LEU A 195 -2.71 -5.50 7.74
N LEU A 196 -3.22 -4.79 8.76
CA LEU A 196 -3.82 -3.44 8.59
C LEU A 196 -2.73 -2.41 8.24
N SER A 197 -1.48 -2.59 8.68
CA SER A 197 -0.35 -1.77 8.21
C SER A 197 -0.27 -1.83 6.68
N VAL A 198 -0.25 -3.04 6.12
CA VAL A 198 -0.10 -3.22 4.64
C VAL A 198 -1.25 -2.46 3.97
N MET A 199 -2.48 -2.69 4.43
CA MET A 199 -3.69 -2.12 3.78
C MET A 199 -3.63 -0.60 3.90
N SER A 200 -3.21 -0.07 5.05
CA SER A 200 -3.10 1.40 5.28
C SER A 200 -2.16 2.02 4.24
N GLY A 201 -1.00 1.39 4.03
CA GLY A 201 -0.01 1.86 3.03
C GLY A 201 -0.59 1.81 1.62
N VAL A 202 -1.26 0.72 1.26
CA VAL A 202 -1.93 0.57 -0.06
C VAL A 202 -2.88 1.76 -0.28
N PHE A 203 -3.76 2.03 0.68
CA PHE A 203 -4.77 3.12 0.63
C PHE A 203 -4.08 4.49 0.57
N GLU A 204 -3.01 4.71 1.33
CA GLU A 204 -2.26 5.99 1.35
C GLU A 204 -1.75 6.25 -0.08
N GLY A 205 -1.10 5.25 -0.69
CA GLY A 205 -0.60 5.30 -2.08
C GLY A 205 -1.71 5.58 -3.06
N TRP A 206 -2.84 4.93 -2.85
CA TRP A 206 -4.00 4.96 -3.79
C TRP A 206 -4.61 6.38 -3.81
N VAL A 207 -4.79 6.95 -2.62
CA VAL A 207 -5.36 8.31 -2.42
C VAL A 207 -4.44 9.34 -3.09
N GLN A 208 -3.13 9.20 -2.90
CA GLN A 208 -2.12 10.05 -3.58
C GLN A 208 -2.24 9.90 -5.10
N ALA A 209 -2.29 8.67 -5.63
CA ALA A 209 -2.35 8.41 -7.09
C ALA A 209 -3.60 9.07 -7.68
N LEU A 210 -4.73 8.89 -7.00
CA LEU A 210 -6.07 9.33 -7.46
C LEU A 210 -6.15 10.84 -7.43
N ALA A 211 -5.52 11.48 -6.44
CA ALA A 211 -5.47 12.95 -6.33
C ALA A 211 -4.66 13.56 -7.49
N ILE A 212 -3.49 12.98 -7.80
CA ILE A 212 -2.65 13.42 -8.94
C ILE A 212 -3.45 13.28 -10.25
N VAL A 213 -4.03 12.11 -10.48
CA VAL A 213 -4.79 11.75 -11.72
C VAL A 213 -5.98 12.70 -11.88
N GLY A 214 -6.77 12.86 -10.82
CA GLY A 214 -7.97 13.72 -10.80
C GLY A 214 -7.61 15.16 -11.10
N ALA A 215 -6.59 15.70 -10.42
CA ALA A 215 -6.18 17.12 -10.52
C ALA A 215 -5.62 17.42 -11.92
N ALA A 216 -5.02 16.43 -12.59
CA ALA A 216 -4.46 16.56 -13.95
C ALA A 216 -5.59 16.48 -15.00
N GLY A 217 -6.81 16.09 -14.61
CA GLY A 217 -7.95 15.93 -15.53
C GLY A 217 -8.03 14.52 -16.12
N GLU A 218 -7.35 13.52 -15.55
CA GLU A 218 -7.38 12.15 -16.11
C GLU A 218 -8.53 11.41 -15.46
N ASP A 219 -8.84 10.22 -15.96
CA ASP A 219 -10.04 9.43 -15.56
C ASP A 219 -9.65 8.39 -14.52
N GLU A 220 -10.14 8.54 -13.29
CA GLU A 220 -9.75 7.67 -12.15
C GLU A 220 -10.02 6.22 -12.53
N VAL A 221 -11.12 5.93 -13.23
CA VAL A 221 -11.53 4.53 -13.54
C VAL A 221 -10.54 3.94 -14.55
N ASP A 222 -10.24 4.65 -15.64
CA ASP A 222 -9.21 4.31 -16.64
C ASP A 222 -7.87 4.02 -15.95
N PHE A 223 -7.43 4.92 -15.07
CA PHE A 223 -6.17 4.76 -14.30
C PHE A 223 -6.22 3.45 -13.50
N ALA A 224 -7.35 3.13 -12.87
CA ALA A 224 -7.47 1.90 -12.05
C ALA A 224 -7.20 0.67 -12.92
N ALA A 225 -7.72 0.66 -14.15
CA ALA A 225 -7.46 -0.40 -15.14
C ALA A 225 -5.95 -0.49 -15.40
N LEU A 226 -5.26 0.63 -15.52
CA LEU A 226 -3.79 0.65 -15.81
C LEU A 226 -3.01 0.13 -14.59
N ALA A 227 -3.48 0.44 -13.37
CA ALA A 227 -2.73 0.29 -12.11
C ALA A 227 -3.12 -0.97 -11.31
N SER A 228 -4.28 -1.58 -11.57
CA SER A 228 -4.74 -2.77 -10.82
C SER A 228 -3.79 -3.95 -11.04
N PRO A 229 -3.27 -4.17 -12.27
CA PRO A 229 -2.14 -5.07 -12.49
C PRO A 229 -0.93 -4.91 -11.56
N LEU A 230 -0.42 -3.69 -11.40
CA LEU A 230 0.75 -3.40 -10.53
C LEU A 230 0.49 -3.92 -9.11
N VAL A 231 -0.70 -3.72 -8.56
CA VAL A 231 -0.98 -4.12 -7.15
C VAL A 231 -1.05 -5.64 -7.06
N ALA A 232 -1.68 -6.28 -8.05
CA ALA A 232 -1.73 -7.76 -8.24
C ALA A 232 -0.30 -8.31 -8.33
N SER A 233 0.57 -7.67 -9.11
CA SER A 233 2.02 -8.01 -9.21
C SER A 233 2.59 -8.25 -7.80
N MET A 234 2.19 -7.41 -6.82
CA MET A 234 2.74 -7.44 -5.44
C MET A 234 2.36 -8.74 -4.71
N ALA A 235 1.47 -9.56 -5.28
CA ALA A 235 1.30 -10.98 -4.87
C ALA A 235 2.66 -11.70 -4.90
N ASP A 236 3.52 -11.35 -5.86
CA ASP A 236 4.86 -11.97 -6.06
C ASP A 236 5.93 -11.16 -5.34
N GLN A 237 5.94 -9.84 -5.49
CA GLN A 237 7.03 -8.98 -4.99
C GLN A 237 7.12 -9.08 -3.46
N LEU A 238 5.98 -9.14 -2.76
CA LEU A 238 5.88 -9.06 -1.28
C LEU A 238 6.53 -10.28 -0.63
N PRO A 239 6.19 -11.53 -1.01
CA PRO A 239 6.90 -12.70 -0.45
C PRO A 239 8.40 -12.70 -0.77
N VAL A 240 8.80 -12.12 -1.92
CA VAL A 240 10.24 -11.94 -2.26
C VAL A 240 10.89 -11.05 -1.18
N ILE A 241 10.32 -9.87 -0.91
CA ILE A 241 10.83 -8.91 0.11
C ILE A 241 10.83 -9.58 1.49
N ALA A 242 9.77 -10.30 1.87
CA ALA A 242 9.66 -11.00 3.17
C ALA A 242 10.88 -11.91 3.38
N GLY A 243 11.19 -12.74 2.38
CA GLY A 243 12.36 -13.64 2.33
C GLY A 243 13.66 -12.90 2.58
N ARG A 244 13.92 -11.86 1.79
CA ARG A 244 15.07 -10.93 1.92
C ARG A 244 15.19 -10.39 3.36
N VAL A 245 14.08 -9.92 3.94
CA VAL A 245 14.04 -9.39 5.34
C VAL A 245 14.44 -10.51 6.32
N ARG A 246 13.92 -11.73 6.17
CA ARG A 246 14.19 -12.81 7.15
C ARG A 246 15.67 -13.22 7.10
N GLU A 247 16.29 -13.22 5.90
CA GLU A 247 17.73 -13.58 5.70
C GLU A 247 18.63 -12.35 5.86
N LYS A 248 18.09 -11.17 6.14
CA LYS A 248 18.89 -9.93 6.29
C LYS A 248 19.70 -9.71 5.01
N GLN A 249 19.09 -9.96 3.83
CA GLN A 249 19.71 -9.74 2.51
C GLN A 249 19.14 -8.44 1.92
N TYR A 250 19.78 -7.31 2.23
CA TYR A 250 19.24 -5.96 1.95
C TYR A 250 19.68 -5.53 0.56
N VAL A 251 20.71 -6.16 0.01
CA VAL A 251 21.23 -5.85 -1.36
C VAL A 251 20.49 -6.72 -2.38
N GLY A 252 20.00 -6.10 -3.45
CA GLY A 252 19.19 -6.80 -4.47
C GLY A 252 17.78 -6.24 -4.49
N GLY A 253 17.40 -5.63 -5.59
CA GLY A 253 16.17 -4.85 -5.72
C GLY A 253 16.53 -3.43 -6.02
N SER A 254 15.56 -2.63 -6.47
CA SER A 254 15.82 -1.21 -6.80
C SER A 254 16.21 -0.49 -5.52
N PRO A 255 17.27 0.34 -5.57
CA PRO A 255 17.83 0.88 -4.34
C PRO A 255 16.94 1.96 -3.71
N ILE A 256 17.09 2.12 -2.40
CA ILE A 256 16.41 3.17 -1.59
C ILE A 256 16.64 4.56 -2.23
N THR A 257 17.82 4.88 -2.77
CA THR A 257 18.10 6.22 -3.36
C THR A 257 17.10 6.49 -4.49
N MET A 258 16.92 5.52 -5.39
CA MET A 258 15.91 5.58 -6.48
C MET A 258 14.48 5.66 -5.91
N GLY A 259 14.17 4.89 -4.87
CA GLY A 259 12.89 5.04 -4.15
C GLY A 259 12.69 6.47 -3.65
N LEU A 260 13.73 7.07 -3.06
CA LEU A 260 13.63 8.42 -2.46
C LEU A 260 13.38 9.45 -3.58
N GLU A 261 14.07 9.30 -4.71
CA GLU A 261 13.95 10.24 -5.85
C GLU A 261 12.55 10.11 -6.47
N ALA A 262 11.99 8.91 -6.54
CA ALA A 262 10.60 8.71 -7.02
C ALA A 262 9.63 9.42 -6.08
N LEU A 263 9.88 9.40 -4.79
CA LEU A 263 9.05 10.16 -3.80
C LEU A 263 9.22 11.66 -4.05
N GLU A 264 10.41 12.16 -4.34
CA GLU A 264 10.61 13.61 -4.62
C GLU A 264 9.90 13.96 -5.94
N ASN A 265 9.94 13.07 -6.94
CA ASN A 265 9.22 13.27 -8.21
C ASN A 265 7.71 13.38 -7.92
N ILE A 266 7.18 12.48 -7.09
CA ILE A 266 5.75 12.44 -6.67
C ILE A 266 5.36 13.75 -5.96
N SER A 267 6.15 14.18 -4.98
CA SER A 267 5.93 15.46 -4.24
C SER A 267 5.82 16.66 -5.22
N GLU A 268 6.73 16.71 -6.20
CA GLU A 268 6.85 17.84 -7.17
C GLU A 268 5.74 17.74 -8.22
N THR A 269 5.43 16.54 -8.71
CA THR A 269 4.26 16.33 -9.59
C THR A 269 3.03 16.90 -8.86
N SER A 270 2.85 16.51 -7.60
CA SER A 270 1.67 16.98 -6.82
C SER A 270 1.69 18.52 -6.73
N ARG A 271 2.82 19.13 -6.41
CA ARG A 271 2.98 20.61 -6.23
C ARG A 271 2.60 21.33 -7.52
N GLU A 272 3.07 20.85 -8.67
CA GLU A 272 2.76 21.43 -10.00
C GLU A 272 1.23 21.55 -10.12
N LEU A 273 0.50 20.60 -9.54
CA LEU A 273 -0.95 20.44 -9.76
C LEU A 273 -1.75 21.04 -8.61
N GLY A 274 -1.10 21.69 -7.62
CA GLY A 274 -1.74 22.25 -6.41
C GLY A 274 -2.26 21.15 -5.49
N VAL A 275 -1.60 19.99 -5.49
CA VAL A 275 -2.11 18.78 -4.81
C VAL A 275 -1.20 18.48 -3.62
N GLY A 276 -1.78 18.06 -2.50
CA GLY A 276 -1.05 17.80 -1.26
C GLY A 276 -0.34 16.47 -1.36
N VAL A 277 0.54 16.16 -0.39
CA VAL A 277 1.46 15.01 -0.51
C VAL A 277 1.42 14.20 0.77
N LEU A 278 1.16 12.90 0.64
CA LEU A 278 1.28 11.91 1.74
C LEU A 278 2.67 11.27 1.62
N LEU A 279 2.86 10.09 2.21
CA LEU A 279 4.11 9.29 2.13
C LEU A 279 5.28 9.99 2.83
N GLY A 280 5.02 10.99 3.66
CA GLY A 280 6.07 11.72 4.40
C GLY A 280 6.94 10.77 5.23
N SER A 281 6.34 9.87 6.02
CA SER A 281 7.08 8.95 6.92
C SER A 281 8.02 8.09 6.07
N MET A 282 7.60 7.69 4.86
CA MET A 282 8.44 6.91 3.92
C MET A 282 9.62 7.77 3.42
N ARG A 283 9.34 8.98 2.96
CA ARG A 283 10.35 9.98 2.53
C ARG A 283 11.39 10.11 3.66
N GLU A 284 10.95 10.27 4.92
CA GLU A 284 11.84 10.50 6.09
C GLU A 284 12.70 9.27 6.37
N VAL A 285 12.12 8.07 6.43
CA VAL A 285 12.94 6.88 6.79
C VAL A 285 13.93 6.57 5.64
N MET A 286 13.55 6.80 4.39
CA MET A 286 14.46 6.51 3.24
C MET A 286 15.61 7.53 3.19
N SER A 287 15.36 8.79 3.54
CA SER A 287 16.41 9.84 3.65
C SER A 287 17.44 9.46 4.71
N GLU A 288 16.97 9.02 5.86
CA GLU A 288 17.87 8.62 6.97
C GLU A 288 18.71 7.45 6.51
N ALA A 289 18.07 6.44 5.89
CA ALA A 289 18.75 5.26 5.30
C ALA A 289 19.95 5.73 4.45
N VAL A 290 19.73 6.70 3.55
CA VAL A 290 20.76 7.24 2.63
C VAL A 290 21.90 7.80 3.49
N LYS A 291 21.58 8.72 4.41
CA LYS A 291 22.56 9.34 5.35
C LYS A 291 23.37 8.22 6.02
N LYS A 292 22.73 7.12 6.42
CA LYS A 292 23.38 6.02 7.17
C LYS A 292 24.11 5.04 6.22
N GLY A 293 24.20 5.33 4.93
CA GLY A 293 25.00 4.53 3.97
C GLY A 293 24.27 3.29 3.44
N LYS A 294 22.93 3.22 3.57
CA LYS A 294 22.12 2.05 3.10
C LYS A 294 21.37 2.40 1.79
N GLY A 295 21.68 3.54 1.17
CA GLY A 295 21.10 4.02 -0.09
C GLY A 295 21.09 2.97 -1.21
N GLY A 296 22.09 2.08 -1.26
CA GLY A 296 22.25 1.04 -2.30
C GLY A 296 21.38 -0.18 -2.01
N GLU A 297 20.86 -0.30 -0.80
CA GLU A 297 20.02 -1.46 -0.39
C GLU A 297 18.62 -1.29 -0.98
N SER A 298 17.86 -2.38 -1.06
CA SER A 298 16.41 -2.32 -1.40
C SER A 298 15.58 -1.98 -0.15
N ILE A 299 14.27 -1.87 -0.36
CA ILE A 299 13.21 -1.61 0.65
C ILE A 299 13.41 -2.54 1.89
N ALA A 300 13.89 -3.77 1.71
CA ALA A 300 14.14 -4.73 2.82
C ALA A 300 15.02 -4.08 3.90
N GLY A 301 15.94 -3.21 3.51
CA GLY A 301 16.89 -2.56 4.42
C GLY A 301 16.19 -1.56 5.32
N LEU A 302 14.95 -1.18 4.99
CA LEU A 302 14.21 -0.23 5.86
C LEU A 302 13.67 -0.96 7.08
N VAL A 303 13.44 -2.27 7.02
CA VAL A 303 12.84 -3.02 8.17
C VAL A 303 13.71 -2.88 9.41
N PRO A 304 15.03 -3.14 9.39
CA PRO A 304 15.88 -2.94 10.58
C PRO A 304 15.88 -1.51 11.12
N MET A 305 15.58 -0.52 10.30
CA MET A 305 15.55 0.88 10.83
C MET A 305 14.33 1.11 11.72
N LEU A 306 13.23 0.40 11.49
CA LEU A 306 12.03 0.42 12.36
C LEU A 306 12.30 -0.41 13.62
N THR A 307 12.78 -1.64 13.47
CA THR A 307 12.92 -2.59 14.60
C THR A 307 13.93 -2.04 15.60
N GLU A 308 14.89 -1.21 15.17
CA GLU A 308 16.01 -0.76 16.05
C GLU A 308 15.59 0.43 16.94
N LEU A 309 14.50 1.12 16.62
CA LEU A 309 14.29 2.46 17.21
C LEU A 309 12.79 2.78 17.30
N ASP A 310 12.35 3.06 18.53
CA ASP A 310 11.00 3.57 18.89
C ASP A 310 10.96 5.03 18.49
N LYS A 311 10.50 5.32 17.28
CA LYS A 311 10.42 6.69 16.72
C LYS A 311 9.23 6.75 15.77
N LYS A 312 8.58 7.91 15.70
CA LYS A 312 7.46 8.15 14.74
C LYS A 312 8.03 9.00 13.59
N TRP A 313 7.97 8.48 12.35
CA TRP A 313 8.71 9.00 11.15
C TRP A 313 7.90 10.06 10.39
N PRO B 27 20.92 1.56 -39.24
CA PRO B 27 20.24 2.64 -38.49
C PRO B 27 21.15 3.27 -37.42
N HIS B 28 21.32 4.59 -37.46
CA HIS B 28 22.18 5.33 -36.51
C HIS B 28 21.36 5.76 -35.30
N VAL B 29 21.77 5.33 -34.10
CA VAL B 29 21.12 5.70 -32.80
C VAL B 29 22.19 6.23 -31.84
N SER B 30 21.91 7.35 -31.16
CA SER B 30 22.77 7.90 -30.08
C SER B 30 22.09 7.71 -28.72
N LEU B 31 22.87 7.35 -27.70
CA LEU B 31 22.43 7.21 -26.29
C LEU B 31 23.26 8.14 -25.41
N ILE B 32 22.58 8.93 -24.59
CA ILE B 32 23.23 9.87 -23.63
C ILE B 32 22.94 9.35 -22.23
N GLY B 33 23.97 8.84 -21.55
CA GLY B 33 23.86 8.35 -20.17
C GLY B 33 24.07 6.86 -20.10
N LEU B 34 24.98 6.42 -19.25
CA LEU B 34 25.45 5.02 -19.16
C LEU B 34 25.46 4.53 -17.71
N GLY B 35 24.55 5.05 -16.87
CA GLY B 35 24.24 4.53 -15.52
C GLY B 35 23.74 3.10 -15.59
N ASN B 36 23.14 2.58 -14.52
CA ASN B 36 22.61 1.19 -14.52
C ASN B 36 21.56 1.04 -15.63
N MET B 37 20.63 2.00 -15.72
CA MET B 37 19.56 1.92 -16.74
C MET B 37 20.17 2.24 -18.13
N GLY B 38 21.01 3.27 -18.25
CA GLY B 38 21.65 3.66 -19.52
C GLY B 38 22.40 2.50 -20.20
N LEU B 39 23.31 1.84 -19.46
CA LEU B 39 24.01 0.62 -19.93
C LEU B 39 23.01 -0.47 -20.33
N ALA B 40 21.95 -0.68 -19.56
CA ALA B 40 20.91 -1.69 -19.91
C ALA B 40 20.29 -1.30 -21.25
N ILE B 41 19.97 -0.01 -21.42
CA ILE B 41 19.38 0.47 -22.70
C ILE B 41 20.42 0.25 -23.81
N ALA B 42 21.67 0.64 -23.61
CA ALA B 42 22.77 0.51 -24.63
C ALA B 42 22.85 -0.93 -25.14
N ASN B 43 22.85 -1.88 -24.21
CA ASN B 43 22.91 -3.33 -24.49
C ASN B 43 21.70 -3.80 -25.30
N CYS B 44 20.50 -3.34 -24.95
CA CYS B 44 19.25 -3.64 -25.70
C CYS B 44 19.36 -3.09 -27.13
N LEU B 45 19.84 -1.85 -27.31
CA LEU B 45 19.91 -1.21 -28.66
C LEU B 45 20.96 -1.92 -29.51
N ILE B 46 22.14 -2.24 -28.97
CA ILE B 46 23.17 -3.05 -29.68
C ILE B 46 22.52 -4.35 -30.17
N LYS B 47 21.84 -5.05 -29.27
CA LYS B 47 21.14 -6.34 -29.54
C LYS B 47 20.11 -6.14 -30.68
N SER B 48 19.53 -4.95 -30.83
CA SER B 48 18.58 -4.57 -31.91
C SER B 48 19.26 -4.54 -33.28
N GLY B 49 20.57 -4.34 -33.35
CA GLY B 49 21.33 -4.32 -34.62
C GLY B 49 21.71 -2.92 -35.07
N CYS B 50 21.47 -1.91 -34.25
CA CYS B 50 21.72 -0.50 -34.65
C CYS B 50 23.20 -0.14 -34.52
N LYS B 51 23.64 0.89 -35.23
CA LYS B 51 24.96 1.54 -35.04
C LYS B 51 24.86 2.56 -33.89
N LEU B 52 25.50 2.28 -32.76
CA LEU B 52 25.31 3.02 -31.50
C LEU B 52 26.49 3.97 -31.24
N THR B 53 26.17 5.25 -30.98
CA THR B 53 27.10 6.30 -30.50
C THR B 53 26.64 6.71 -29.09
N VAL B 54 27.57 6.70 -28.13
CA VAL B 54 27.28 6.87 -26.68
C VAL B 54 28.09 8.05 -26.14
N TRP B 55 27.52 8.79 -25.20
CA TRP B 55 28.24 9.77 -24.36
C TRP B 55 27.81 9.59 -22.91
N ASN B 56 28.78 9.66 -21.98
CA ASN B 56 28.54 9.71 -20.52
C ASN B 56 29.58 10.65 -19.90
N ARG B 57 29.19 11.41 -18.88
CA ARG B 57 30.09 12.25 -18.06
C ARG B 57 31.34 11.43 -17.73
N SER B 58 31.18 10.25 -17.15
CA SER B 58 32.28 9.28 -16.89
C SER B 58 32.39 8.32 -18.09
N ALA B 59 33.22 8.68 -19.09
CA ALA B 59 33.27 8.05 -20.44
C ALA B 59 33.67 6.57 -20.36
N GLU B 60 34.47 6.19 -19.36
CA GLU B 60 34.98 4.81 -19.14
C GLU B 60 33.85 3.79 -18.95
N LYS B 61 32.64 4.22 -18.56
CA LYS B 61 31.46 3.33 -18.44
C LYS B 61 31.04 2.80 -19.83
N ALA B 62 31.53 3.39 -20.93
CA ALA B 62 31.31 2.84 -22.29
C ALA B 62 32.22 1.62 -22.51
N ALA B 63 33.17 1.35 -21.59
CA ALA B 63 34.24 0.33 -21.77
C ALA B 63 33.65 -0.97 -22.32
N SER B 64 32.57 -1.48 -21.71
CA SER B 64 31.95 -2.77 -22.08
C SER B 64 31.20 -2.67 -23.41
N LEU B 65 30.96 -1.48 -23.98
CA LEU B 65 30.16 -1.34 -25.23
C LEU B 65 31.06 -1.30 -26.49
N VAL B 66 32.30 -0.83 -26.37
CA VAL B 66 33.32 -0.77 -27.45
C VAL B 66 33.50 -2.14 -28.12
N PRO B 67 33.68 -3.25 -27.38
CA PRO B 67 33.74 -4.57 -28.01
C PRO B 67 32.44 -5.02 -28.69
N GLN B 68 31.31 -4.35 -28.42
CA GLN B 68 30.04 -4.71 -29.09
C GLN B 68 29.86 -3.84 -30.35
N GLY B 69 30.75 -2.87 -30.58
CA GLY B 69 30.77 -2.03 -31.79
C GLY B 69 30.29 -0.61 -31.56
N ALA B 70 30.16 -0.19 -30.30
CA ALA B 70 29.73 1.17 -29.94
C ALA B 70 30.90 2.12 -30.11
N THR B 71 30.62 3.29 -30.68
CA THR B 71 31.52 4.45 -30.81
C THR B 71 31.28 5.41 -29.64
N VAL B 72 32.35 5.89 -29.01
CA VAL B 72 32.29 6.83 -27.84
C VAL B 72 32.46 8.26 -28.35
N ALA B 73 31.45 9.11 -28.13
CA ALA B 73 31.46 10.53 -28.52
C ALA B 73 32.10 11.35 -27.38
N ALA B 74 32.98 12.29 -27.70
CA ALA B 74 33.71 13.13 -26.73
C ALA B 74 32.72 14.04 -25.98
N THR B 75 31.69 14.53 -26.66
CA THR B 75 30.77 15.58 -26.16
C THR B 75 29.32 15.23 -26.49
N PRO B 76 28.35 15.70 -25.67
CA PRO B 76 26.93 15.60 -25.99
C PRO B 76 26.66 16.06 -27.42
N ALA B 77 27.17 17.25 -27.79
CA ALA B 77 27.01 17.88 -29.10
C ALA B 77 27.42 16.90 -30.20
N GLU B 78 28.57 16.24 -30.02
CA GLU B 78 29.13 15.25 -30.97
C GLU B 78 28.22 14.03 -31.03
N CYS B 79 27.81 13.52 -29.87
CA CYS B 79 26.95 12.32 -29.80
C CYS B 79 25.67 12.59 -30.60
N VAL B 80 25.08 13.76 -30.42
CA VAL B 80 23.81 14.20 -31.09
C VAL B 80 24.05 14.30 -32.60
N ALA B 81 25.19 14.86 -33.02
CA ALA B 81 25.55 15.04 -34.45
C ALA B 81 25.55 13.69 -35.17
N SER B 82 25.91 12.61 -34.48
CA SER B 82 26.19 11.27 -35.08
C SER B 82 24.90 10.56 -35.53
N SER B 83 23.73 10.93 -35.02
CA SER B 83 22.49 10.14 -35.27
C SER B 83 21.28 11.05 -35.42
N PRO B 84 20.21 10.60 -36.12
CA PRO B 84 18.95 11.32 -36.17
C PRO B 84 18.00 10.98 -35.00
N THR B 85 18.33 9.94 -34.22
CA THR B 85 17.50 9.48 -33.06
C THR B 85 18.35 9.51 -31.80
N ILE B 86 18.01 10.37 -30.83
CA ILE B 86 18.79 10.60 -29.57
C ILE B 86 18.02 10.03 -28.38
N VAL B 87 18.52 8.94 -27.79
CA VAL B 87 17.97 8.34 -26.54
C VAL B 87 18.72 8.96 -25.36
N ILE B 88 17.99 9.41 -24.35
CA ILE B 88 18.54 10.08 -23.13
C ILE B 88 18.04 9.33 -21.89
N CYS B 89 18.96 8.94 -21.02
CA CYS B 89 18.64 8.26 -19.74
C CYS B 89 19.69 8.67 -18.70
N LEU B 90 19.41 9.80 -18.04
CA LEU B 90 20.27 10.48 -17.04
C LEU B 90 19.58 10.47 -15.67
N LEU B 91 20.24 10.97 -14.61
CA LEU B 91 19.76 10.87 -13.19
C LEU B 91 18.40 11.55 -13.03
N ASN B 92 18.24 12.73 -13.62
CA ASN B 92 17.05 13.59 -13.47
C ASN B 92 17.00 14.56 -14.66
N GLN B 93 15.89 15.26 -14.80
CA GLN B 93 15.64 16.19 -15.93
C GLN B 93 16.47 17.46 -15.75
N ASP B 94 16.94 17.75 -14.55
CA ASP B 94 17.85 18.90 -14.35
C ASP B 94 19.17 18.60 -15.09
N VAL B 95 19.71 17.40 -14.90
CA VAL B 95 20.95 16.93 -15.57
C VAL B 95 20.71 16.93 -17.09
N VAL B 96 19.51 16.53 -17.54
CA VAL B 96 19.17 16.46 -19.00
C VAL B 96 19.32 17.87 -19.59
N GLN B 97 18.76 18.89 -18.93
CA GLN B 97 18.81 20.30 -19.39
C GLN B 97 20.28 20.79 -19.41
N GLN B 98 21.11 20.36 -18.46
CA GLN B 98 22.53 20.82 -18.34
C GLN B 98 23.35 20.18 -19.46
N THR B 99 23.09 18.90 -19.73
CA THR B 99 23.74 18.15 -20.83
C THR B 99 23.33 18.77 -22.18
N LEU B 100 22.06 19.12 -22.37
CA LEU B 100 21.57 19.72 -23.66
C LEU B 100 21.99 21.19 -23.79
N ASP B 101 22.60 21.77 -22.75
CA ASP B 101 22.81 23.24 -22.66
C ASP B 101 23.49 23.75 -23.93
N GLU B 102 24.68 23.23 -24.24
CA GLU B 102 25.52 23.67 -25.39
C GLU B 102 24.98 23.06 -26.70
N VAL B 103 24.25 21.96 -26.64
CA VAL B 103 23.70 21.30 -27.88
C VAL B 103 22.69 22.26 -28.52
N ILE B 104 23.13 23.08 -29.48
CA ILE B 104 22.33 24.21 -30.04
C ILE B 104 21.54 23.75 -31.28
N ASP B 105 22.01 22.72 -32.01
CA ASP B 105 21.43 22.30 -33.31
C ASP B 105 20.77 20.91 -33.22
N LEU B 106 19.44 20.87 -33.11
CA LEU B 106 18.70 19.59 -33.03
C LEU B 106 17.82 19.39 -34.27
N SER B 107 17.91 20.30 -35.26
CA SER B 107 17.18 20.17 -36.54
C SER B 107 17.31 18.73 -37.05
N GLY B 108 16.19 18.11 -37.40
CA GLY B 108 16.11 16.75 -37.96
C GLY B 108 16.16 15.67 -36.88
N LYS B 109 16.35 16.04 -35.60
CA LYS B 109 16.62 15.04 -34.54
C LYS B 109 15.31 14.67 -33.84
N THR B 110 15.12 13.38 -33.58
CA THR B 110 14.06 12.84 -32.71
C THR B 110 14.69 12.51 -31.36
N ILE B 111 14.16 13.13 -30.30
CA ILE B 111 14.64 12.90 -28.92
C ILE B 111 13.68 11.93 -28.24
N ILE B 112 14.23 10.84 -27.72
CA ILE B 112 13.50 9.84 -26.88
C ILE B 112 14.06 9.96 -25.46
N ASN B 113 13.32 10.62 -24.57
CA ASN B 113 13.77 10.90 -23.19
C ASN B 113 13.22 9.82 -22.26
N LEU B 114 14.06 8.93 -21.77
CA LEU B 114 13.65 7.89 -20.78
C LEU B 114 14.16 8.25 -19.37
N THR B 115 14.53 9.53 -19.14
CA THR B 115 14.83 10.11 -17.79
C THR B 115 13.52 10.38 -17.05
N ASN B 116 13.34 9.76 -15.89
CA ASN B 116 12.14 9.97 -15.01
C ASN B 116 12.15 11.40 -14.48
N GLY B 117 10.96 11.98 -14.33
CA GLY B 117 10.76 13.28 -13.70
C GLY B 117 9.29 13.65 -13.64
N THR B 118 9.00 14.94 -13.50
CA THR B 118 7.63 15.45 -13.36
C THR B 118 7.04 15.78 -14.73
N PRO B 119 5.71 15.83 -14.87
CA PRO B 119 5.07 16.34 -16.08
C PRO B 119 5.65 17.68 -16.59
N GLN B 120 5.81 18.67 -15.71
CA GLN B 120 6.25 20.04 -16.12
C GLN B 120 7.73 20.04 -16.47
N GLN B 121 8.49 19.09 -15.91
CA GLN B 121 9.92 18.89 -16.24
C GLN B 121 10.02 18.40 -17.68
N ALA B 122 9.17 17.44 -18.04
CA ALA B 122 9.07 16.93 -19.42
C ALA B 122 8.64 18.12 -20.30
N VAL B 123 7.73 18.97 -19.84
CA VAL B 123 7.24 20.15 -20.64
C VAL B 123 8.46 21.04 -20.95
N LYS B 124 9.29 21.35 -19.95
CA LYS B 124 10.40 22.33 -20.11
C LYS B 124 11.42 21.74 -21.07
N VAL B 125 11.74 20.45 -20.95
CA VAL B 125 12.74 19.76 -21.83
C VAL B 125 12.20 19.69 -23.27
N ALA B 126 10.94 19.28 -23.45
CA ALA B 126 10.31 19.22 -24.79
C ALA B 126 10.30 20.62 -25.42
N THR B 127 9.97 21.67 -24.67
CA THR B 127 9.95 23.03 -25.25
C THR B 127 11.39 23.42 -25.65
N LEU B 128 12.37 23.18 -24.80
CA LEU B 128 13.81 23.51 -25.04
C LEU B 128 14.27 22.86 -26.35
N VAL B 129 14.07 21.55 -26.53
CA VAL B 129 14.61 20.83 -27.73
C VAL B 129 13.87 21.27 -28.99
N GLN B 130 12.57 21.54 -28.89
CA GLN B 130 11.75 21.97 -30.06
C GLN B 130 12.16 23.37 -30.51
N GLN B 131 12.48 24.29 -29.58
CA GLN B 131 12.97 25.66 -29.91
C GLN B 131 14.33 25.57 -30.59
N ARG B 132 15.09 24.49 -30.36
CA ARG B 132 16.43 24.28 -30.97
C ARG B 132 16.37 23.44 -32.25
N GLY B 133 15.19 23.12 -32.78
CA GLY B 133 15.05 22.48 -34.11
C GLY B 133 14.52 21.05 -34.07
N ALA B 134 14.48 20.38 -32.91
CA ALA B 134 14.15 18.94 -32.82
C ALA B 134 12.88 18.69 -33.64
N GLU B 135 12.91 17.62 -34.44
CA GLU B 135 11.74 17.08 -35.20
C GLU B 135 10.61 16.69 -34.23
N SER B 136 10.93 15.93 -33.18
CA SER B 136 9.94 15.60 -32.13
C SER B 136 10.62 15.20 -30.83
N TYR B 137 9.82 15.25 -29.77
CA TYR B 137 10.15 14.80 -28.40
C TYR B 137 9.12 13.74 -28.06
N ILE B 138 9.58 12.60 -27.58
CA ILE B 138 8.68 11.59 -26.95
C ILE B 138 9.31 11.20 -25.62
N HIS B 139 8.47 11.03 -24.61
CA HIS B 139 8.90 10.62 -23.25
C HIS B 139 8.50 9.17 -23.02
N GLY B 140 9.41 8.42 -22.40
CA GLY B 140 9.20 7.04 -21.93
C GLY B 140 9.44 6.92 -20.44
N ALA B 141 8.54 6.23 -19.74
CA ALA B 141 8.70 5.76 -18.35
C ALA B 141 8.87 4.25 -18.39
N ILE B 142 10.09 3.78 -18.13
CA ILE B 142 10.41 2.34 -18.02
C ILE B 142 9.84 1.85 -16.69
N MET B 143 8.95 0.87 -16.71
CA MET B 143 8.32 0.33 -15.48
C MET B 143 8.93 -1.02 -15.11
N THR B 144 10.25 -1.11 -15.09
CA THR B 144 10.98 -2.31 -14.65
C THR B 144 12.37 -1.85 -14.18
N THR B 145 13.20 -2.76 -13.69
CA THR B 145 14.61 -2.49 -13.31
C THR B 145 15.51 -2.85 -14.50
N PRO B 146 16.78 -2.40 -14.51
CA PRO B 146 17.69 -2.65 -15.64
C PRO B 146 17.84 -4.12 -16.05
N GLU B 147 17.79 -5.02 -15.08
CA GLU B 147 18.11 -6.45 -15.33
C GLU B 147 17.00 -7.11 -16.13
N TYR B 148 15.76 -6.64 -16.06
CA TYR B 148 14.65 -7.18 -16.89
C TYR B 148 14.44 -6.34 -18.17
N LEU B 149 15.18 -5.24 -18.38
CA LEU B 149 14.93 -4.41 -19.59
C LEU B 149 15.12 -5.30 -20.82
N GLY B 150 14.23 -5.19 -21.80
CA GLY B 150 14.36 -5.93 -23.06
C GLY B 150 13.44 -7.13 -23.12
N GLN B 151 12.92 -7.59 -21.98
CA GLN B 151 11.91 -8.66 -21.94
C GLN B 151 10.54 -8.12 -22.34
N PRO B 152 9.72 -8.89 -23.11
CA PRO B 152 8.38 -8.43 -23.51
C PRO B 152 7.48 -8.08 -22.32
N SER B 153 7.67 -8.77 -21.18
CA SER B 153 6.92 -8.48 -19.93
C SER B 153 7.29 -7.10 -19.38
N SER B 154 8.39 -6.52 -19.82
CA SER B 154 8.84 -5.17 -19.39
C SER B 154 8.13 -4.10 -20.23
N VAL B 155 7.26 -3.32 -19.59
CA VAL B 155 6.46 -2.27 -20.28
C VAL B 155 7.12 -0.91 -20.04
N THR B 156 7.29 -0.15 -21.12
CA THR B 156 7.61 1.29 -21.09
C THR B 156 6.39 2.08 -21.59
N LEU B 157 5.86 2.98 -20.76
CA LEU B 157 4.82 3.94 -21.18
C LEU B 157 5.50 5.02 -22.03
N ILE B 158 4.91 5.33 -23.17
CA ILE B 158 5.43 6.34 -24.13
C ILE B 158 4.39 7.44 -24.27
N SER B 159 4.79 8.70 -24.15
CA SER B 159 3.88 9.82 -24.48
C SER B 159 4.57 10.77 -25.46
N GLY B 160 3.78 11.26 -26.42
CA GLY B 160 4.23 12.19 -27.49
C GLY B 160 3.56 11.89 -28.82
N PRO B 161 3.89 12.67 -29.87
CA PRO B 161 3.21 12.56 -31.18
C PRO B 161 3.12 11.10 -31.65
N LYS B 162 1.91 10.70 -32.03
CA LYS B 162 1.59 9.33 -32.53
C LYS B 162 2.57 8.94 -33.66
N THR B 163 2.73 9.80 -34.67
CA THR B 163 3.56 9.52 -35.86
C THR B 163 5.02 9.31 -35.41
N ALA B 164 5.53 10.08 -34.44
CA ALA B 164 6.88 9.90 -33.86
C ALA B 164 6.97 8.56 -33.13
N TYR B 165 5.99 8.18 -32.32
CA TYR B 165 5.91 6.84 -31.69
C TYR B 165 6.00 5.75 -32.75
N GLU B 166 5.19 5.87 -33.81
CA GLU B 166 5.08 4.84 -34.87
C GLU B 166 6.43 4.70 -35.57
N SER B 167 7.12 5.79 -35.93
CA SER B 167 8.48 5.75 -36.52
C SER B 167 9.44 4.97 -35.60
N GLN B 168 9.35 5.14 -34.29
CA GLN B 168 10.34 4.64 -33.30
C GLN B 168 9.91 3.31 -32.65
N LYS B 169 8.68 2.86 -32.89
CA LYS B 169 8.08 1.66 -32.24
C LYS B 169 9.02 0.45 -32.40
N GLU B 170 9.53 0.23 -33.61
CA GLU B 170 10.39 -0.95 -33.89
C GLU B 170 11.64 -0.85 -33.01
N LEU B 171 12.38 0.26 -33.09
CA LEU B 171 13.59 0.52 -32.26
C LEU B 171 13.25 0.30 -30.78
N LEU B 172 12.15 0.88 -30.31
CA LEU B 172 11.77 0.85 -28.88
C LEU B 172 11.43 -0.58 -28.46
N SER B 173 11.05 -1.47 -29.39
CA SER B 173 10.70 -2.87 -29.02
C SER B 173 11.95 -3.54 -28.41
N SER B 174 13.15 -3.11 -28.80
CA SER B 174 14.43 -3.62 -28.24
C SER B 174 14.45 -3.53 -26.72
N ILE B 175 13.71 -2.61 -26.09
CA ILE B 175 13.74 -2.47 -24.60
C ILE B 175 12.54 -3.18 -23.96
N GLY B 176 11.65 -3.80 -24.75
CA GLY B 176 10.50 -4.56 -24.23
C GLY B 176 9.20 -4.13 -24.91
N THR B 177 8.10 -4.05 -24.16
CA THR B 177 6.75 -3.70 -24.64
C THR B 177 6.48 -2.22 -24.37
N THR B 178 6.27 -1.43 -25.43
CA THR B 178 5.88 0.00 -25.31
C THR B 178 4.35 0.11 -25.31
N ARG B 179 3.83 1.06 -24.54
CA ARG B 179 2.39 1.43 -24.49
C ARG B 179 2.29 2.94 -24.70
N HIS B 180 1.78 3.36 -25.86
CA HIS B 180 1.48 4.80 -26.18
C HIS B 180 0.26 5.24 -25.37
N VAL B 181 0.47 6.06 -24.34
CA VAL B 181 -0.59 6.44 -23.37
C VAL B 181 -1.28 7.73 -23.85
N SER B 182 -0.60 8.55 -24.67
CA SER B 182 -1.12 9.89 -25.02
C SER B 182 -0.20 10.59 -26.03
N ASP B 183 -0.75 11.54 -26.79
CA ASP B 183 0.02 12.42 -27.70
C ASP B 183 0.65 13.55 -26.89
N ASP B 184 0.14 13.82 -25.68
CA ASP B 184 0.69 14.85 -24.77
C ASP B 184 2.01 14.33 -24.16
N ILE B 185 3.13 14.99 -24.41
CA ILE B 185 4.47 14.47 -23.99
C ILE B 185 4.53 14.29 -22.48
N ALA B 186 3.75 15.02 -21.68
CA ALA B 186 3.85 15.04 -20.20
C ALA B 186 3.13 13.85 -19.52
N LYS B 187 2.40 13.02 -20.28
CA LYS B 187 1.51 11.97 -19.72
C LYS B 187 2.27 10.75 -19.21
N ALA B 188 3.37 10.31 -19.81
CA ALA B 188 4.11 9.15 -19.27
C ALA B 188 4.56 9.48 -17.85
N SER B 189 5.11 10.68 -17.64
CA SER B 189 5.60 11.10 -16.30
C SER B 189 4.42 11.21 -15.33
N LEU B 190 3.29 11.77 -15.77
CA LEU B 190 2.10 11.93 -14.88
C LEU B 190 1.68 10.54 -14.40
N LEU B 191 1.51 9.60 -15.35
CA LEU B 191 1.01 8.25 -15.05
C LEU B 191 2.03 7.52 -14.19
N ASP B 192 3.32 7.57 -14.55
CA ASP B 192 4.36 6.80 -13.85
C ASP B 192 4.49 7.31 -12.41
N ASN B 193 4.40 8.63 -12.21
CA ASN B 193 4.40 9.23 -10.85
C ASN B 193 3.16 8.74 -10.09
N ALA B 194 1.99 8.65 -10.74
CA ALA B 194 0.78 8.14 -10.07
C ALA B 194 1.04 6.69 -9.64
N LEU B 195 1.67 5.89 -10.51
CA LEU B 195 1.82 4.43 -10.27
C LEU B 195 2.84 4.24 -9.15
N LEU B 196 3.88 5.07 -9.14
CA LEU B 196 4.93 5.02 -8.11
C LEU B 196 4.38 5.43 -6.74
N SER B 197 3.35 6.29 -6.68
CA SER B 197 2.64 6.61 -5.41
C SER B 197 2.08 5.32 -4.81
N VAL B 198 1.33 4.56 -5.61
CA VAL B 198 0.69 3.28 -5.19
C VAL B 198 1.77 2.34 -4.64
N MET B 199 2.81 2.10 -5.44
CA MET B 199 3.94 1.18 -5.12
C MET B 199 4.58 1.64 -3.80
N SER B 200 4.90 2.93 -3.70
CA SER B 200 5.50 3.56 -2.49
C SER B 200 4.61 3.30 -1.26
N GLY B 201 3.31 3.49 -1.39
CA GLY B 201 2.33 3.21 -0.32
C GLY B 201 2.39 1.77 0.12
N VAL B 202 2.44 0.87 -0.86
CA VAL B 202 2.40 -0.59 -0.63
C VAL B 202 3.65 -0.94 0.17
N PHE B 203 4.80 -0.43 -0.24
CA PHE B 203 6.12 -0.73 0.38
C PHE B 203 6.13 -0.16 1.79
N GLU B 204 5.61 1.05 2.01
CA GLU B 204 5.59 1.69 3.36
C GLU B 204 4.83 0.78 4.33
N GLY B 205 3.62 0.34 3.94
CA GLY B 205 2.78 -0.53 4.78
C GLY B 205 3.45 -1.87 5.03
N TRP B 206 4.13 -2.42 4.00
CA TRP B 206 4.80 -3.74 4.01
C TRP B 206 6.02 -3.71 4.94
N VAL B 207 6.86 -2.68 4.83
CA VAL B 207 8.00 -2.51 5.78
C VAL B 207 7.47 -2.46 7.22
N GLN B 208 6.39 -1.69 7.45
CA GLN B 208 5.82 -1.54 8.80
C GLN B 208 5.38 -2.93 9.31
N ALA B 209 4.65 -3.68 8.47
CA ALA B 209 4.10 -5.01 8.77
C ALA B 209 5.24 -5.95 9.14
N LEU B 210 6.31 -5.96 8.34
CA LEU B 210 7.41 -6.93 8.55
C LEU B 210 8.20 -6.52 9.79
N ALA B 211 8.41 -5.23 10.03
CA ALA B 211 9.06 -4.78 11.30
C ALA B 211 8.28 -5.34 12.50
N ILE B 212 6.94 -5.16 12.54
CA ILE B 212 6.06 -5.64 13.65
C ILE B 212 6.23 -7.17 13.80
N VAL B 213 6.04 -7.91 12.69
CA VAL B 213 6.05 -9.40 12.65
C VAL B 213 7.44 -9.88 13.14
N GLY B 214 8.51 -9.30 12.60
CA GLY B 214 9.90 -9.65 12.96
C GLY B 214 10.18 -9.43 14.44
N ALA B 215 9.85 -8.25 14.95
CA ALA B 215 10.09 -7.90 16.37
C ALA B 215 9.26 -8.79 17.31
N ALA B 216 8.11 -9.32 16.87
CA ALA B 216 7.24 -10.18 17.70
C ALA B 216 7.74 -11.64 17.68
N GLY B 217 8.84 -11.92 16.98
CA GLY B 217 9.42 -13.28 16.88
C GLY B 217 8.67 -14.11 15.87
N GLU B 218 7.89 -13.51 14.99
CA GLU B 218 7.13 -14.27 13.95
C GLU B 218 8.00 -14.43 12.71
N ASP B 219 7.54 -15.28 11.79
CA ASP B 219 8.26 -15.62 10.55
C ASP B 219 7.68 -14.80 9.39
N GLU B 220 8.56 -14.03 8.73
CA GLU B 220 8.23 -13.02 7.69
C GLU B 220 7.60 -13.76 6.49
N VAL B 221 8.13 -14.94 6.17
CA VAL B 221 7.75 -15.72 4.96
C VAL B 221 6.35 -16.28 5.18
N ASP B 222 6.14 -17.00 6.29
CA ASP B 222 4.80 -17.43 6.76
C ASP B 222 3.80 -16.26 6.75
N PHE B 223 4.19 -15.10 7.30
CA PHE B 223 3.26 -13.93 7.35
C PHE B 223 2.89 -13.54 5.92
N ALA B 224 3.87 -13.46 5.01
CA ALA B 224 3.60 -13.11 3.59
C ALA B 224 2.59 -14.09 3.01
N ALA B 225 2.66 -15.38 3.40
CA ALA B 225 1.74 -16.43 2.91
C ALA B 225 0.30 -16.03 3.28
N LEU B 226 0.13 -15.42 4.45
CA LEU B 226 -1.17 -14.96 5.02
C LEU B 226 -1.55 -13.63 4.36
N ALA B 227 -0.58 -12.72 4.17
CA ALA B 227 -0.81 -11.30 3.80
C ALA B 227 -0.98 -11.12 2.28
N SER B 228 -0.01 -11.60 1.50
CA SER B 228 0.08 -11.42 0.03
C SER B 228 -1.28 -11.69 -0.63
N PRO B 229 -1.99 -12.79 -0.26
CA PRO B 229 -3.36 -13.02 -0.71
C PRO B 229 -4.34 -11.85 -0.54
N LEU B 230 -4.33 -11.21 0.63
CA LEU B 230 -5.26 -10.10 0.93
C LEU B 230 -4.82 -8.85 0.14
N VAL B 231 -3.53 -8.71 -0.21
CA VAL B 231 -3.08 -7.58 -1.06
C VAL B 231 -3.51 -7.83 -2.51
N ALA B 232 -3.49 -9.09 -2.97
CA ALA B 232 -4.12 -9.56 -4.23
C ALA B 232 -5.51 -8.96 -4.32
N SER B 233 -6.33 -9.20 -3.29
CA SER B 233 -7.74 -8.72 -3.14
C SER B 233 -7.90 -7.27 -3.58
N MET B 234 -6.93 -6.40 -3.26
CA MET B 234 -7.00 -4.92 -3.49
C MET B 234 -7.18 -4.63 -4.97
N ALA B 235 -6.57 -5.42 -5.86
CA ALA B 235 -6.82 -5.39 -7.32
C ALA B 235 -8.31 -5.16 -7.57
N ASP B 236 -9.16 -5.85 -6.82
CA ASP B 236 -10.65 -5.76 -6.90
C ASP B 236 -11.14 -4.43 -6.35
N GLN B 237 -10.65 -4.01 -5.18
CA GLN B 237 -11.23 -2.87 -4.41
C GLN B 237 -10.75 -1.51 -4.96
N LEU B 238 -9.57 -1.43 -5.57
CA LEU B 238 -8.99 -0.12 -5.99
C LEU B 238 -9.82 0.49 -7.12
N PRO B 239 -10.32 -0.29 -8.09
CA PRO B 239 -11.28 0.21 -9.08
C PRO B 239 -12.59 0.74 -8.50
N VAL B 240 -13.11 0.07 -7.48
CA VAL B 240 -14.34 0.47 -6.75
C VAL B 240 -14.09 1.86 -6.15
N ILE B 241 -12.98 2.01 -5.43
CA ILE B 241 -12.63 3.30 -4.76
C ILE B 241 -12.50 4.40 -5.83
N ALA B 242 -11.91 4.07 -6.97
CA ALA B 242 -11.63 5.00 -8.09
C ALA B 242 -12.96 5.51 -8.68
N GLY B 243 -13.92 4.61 -8.84
CA GLY B 243 -15.29 4.93 -9.31
C GLY B 243 -15.98 5.89 -8.37
N ARG B 244 -15.90 5.63 -7.08
CA ARG B 244 -16.51 6.46 -6.00
C ARG B 244 -15.90 7.86 -6.03
N VAL B 245 -14.57 7.94 -6.15
CA VAL B 245 -13.83 9.24 -6.20
C VAL B 245 -14.31 10.05 -7.40
N ARG B 246 -14.38 9.47 -8.60
CA ARG B 246 -14.80 10.22 -9.80
C ARG B 246 -16.19 10.82 -9.59
N GLU B 247 -17.17 9.99 -9.17
CA GLU B 247 -18.60 10.39 -8.97
C GLU B 247 -18.75 11.22 -7.67
N LYS B 248 -17.66 11.45 -6.93
CA LYS B 248 -17.64 12.13 -5.60
C LYS B 248 -18.68 11.50 -4.66
N GLN B 249 -18.72 10.17 -4.60
CA GLN B 249 -19.55 9.38 -3.66
C GLN B 249 -18.66 8.92 -2.49
N TYR B 250 -18.51 9.75 -1.45
CA TYR B 250 -17.53 9.58 -0.34
C TYR B 250 -18.13 8.71 0.77
N VAL B 251 -19.45 8.48 0.71
CA VAL B 251 -20.21 7.63 1.67
C VAL B 251 -20.33 6.22 1.09
N GLY B 252 -20.14 5.21 1.91
CA GLY B 252 -20.08 3.79 1.48
C GLY B 252 -18.65 3.27 1.56
N GLY B 253 -18.41 2.26 2.39
CA GLY B 253 -17.08 1.73 2.73
C GLY B 253 -16.69 2.04 4.17
N SER B 254 -15.75 1.28 4.73
CA SER B 254 -15.28 1.43 6.12
C SER B 254 -14.99 2.90 6.39
N PRO B 255 -15.52 3.45 7.49
CA PRO B 255 -15.35 4.88 7.77
C PRO B 255 -13.90 5.26 8.08
N ILE B 256 -13.57 6.51 7.77
CA ILE B 256 -12.26 7.12 8.08
C ILE B 256 -11.97 7.01 9.59
N THR B 257 -12.95 7.26 10.47
CA THR B 257 -12.74 7.11 11.94
C THR B 257 -12.19 5.71 12.27
N MET B 258 -12.66 4.70 11.54
CA MET B 258 -12.28 3.29 11.76
C MET B 258 -10.83 3.12 11.31
N GLY B 259 -10.49 3.72 10.18
CA GLY B 259 -9.15 3.66 9.56
C GLY B 259 -8.15 4.35 10.46
N LEU B 260 -8.53 5.47 11.06
CA LEU B 260 -7.63 6.22 11.99
C LEU B 260 -7.40 5.37 13.24
N GLU B 261 -8.44 4.78 13.83
CA GLU B 261 -8.27 3.88 15.01
C GLU B 261 -7.28 2.77 14.66
N ALA B 262 -7.51 2.08 13.54
CA ALA B 262 -6.56 1.09 13.00
C ALA B 262 -5.13 1.64 13.11
N LEU B 263 -4.86 2.83 12.60
CA LEU B 263 -3.48 3.39 12.58
C LEU B 263 -2.94 3.60 14.00
N GLU B 264 -3.81 3.97 14.96
CA GLU B 264 -3.46 4.15 16.38
C GLU B 264 -3.11 2.80 17.02
N ASN B 265 -3.85 1.72 16.69
CA ASN B 265 -3.51 0.34 17.16
C ASN B 265 -2.17 -0.07 16.54
N ILE B 266 -1.89 0.33 15.28
CA ILE B 266 -0.62 -0.05 14.59
C ILE B 266 0.54 0.65 15.34
N SER B 267 0.43 1.95 15.63
CA SER B 267 1.51 2.73 16.29
C SER B 267 1.81 2.13 17.66
N GLU B 268 0.76 1.80 18.44
CA GLU B 268 0.89 1.27 19.82
C GLU B 268 1.34 -0.20 19.80
N THR B 269 0.87 -1.03 18.85
CA THR B 269 1.38 -2.41 18.63
C THR B 269 2.90 -2.32 18.40
N SER B 270 3.31 -1.34 17.59
CA SER B 270 4.73 -1.04 17.28
C SER B 270 5.47 -0.59 18.56
N ARG B 271 4.95 0.39 19.28
CA ARG B 271 5.65 0.96 20.48
C ARG B 271 5.84 -0.16 21.52
N GLU B 272 4.77 -0.91 21.85
CA GLU B 272 4.84 -2.10 22.75
C GLU B 272 6.06 -2.98 22.40
N LEU B 273 6.43 -3.13 21.11
CA LEU B 273 7.55 -3.99 20.64
C LEU B 273 8.84 -3.17 20.45
N GLY B 274 8.84 -1.88 20.81
CA GLY B 274 9.99 -0.98 20.59
C GLY B 274 10.26 -0.75 19.10
N VAL B 275 9.24 -0.95 18.25
CA VAL B 275 9.34 -0.80 16.77
C VAL B 275 8.87 0.60 16.37
N GLY B 276 9.55 1.22 15.41
CA GLY B 276 9.19 2.56 14.89
C GLY B 276 7.95 2.50 14.01
N VAL B 277 7.41 3.63 13.57
CA VAL B 277 6.14 3.58 12.79
C VAL B 277 6.18 4.60 11.64
N LEU B 278 5.71 4.13 10.50
CA LEU B 278 5.52 4.96 9.29
C LEU B 278 4.06 5.38 9.28
N LEU B 279 3.55 5.75 8.10
CA LEU B 279 2.13 6.03 7.84
C LEU B 279 1.69 7.30 8.59
N GLY B 280 2.63 8.13 9.06
CA GLY B 280 2.36 9.44 9.70
C GLY B 280 1.45 10.35 8.88
N SER B 281 1.74 10.52 7.59
CA SER B 281 0.94 11.41 6.69
C SER B 281 -0.50 10.88 6.65
N MET B 282 -0.67 9.54 6.68
CA MET B 282 -2.01 8.92 6.53
C MET B 282 -2.81 9.27 7.79
N ARG B 283 -2.20 9.11 8.97
CA ARG B 283 -2.78 9.50 10.28
C ARG B 283 -3.17 10.98 10.28
N GLU B 284 -2.26 11.86 9.87
CA GLU B 284 -2.45 13.33 9.91
C GLU B 284 -3.63 13.72 9.00
N VAL B 285 -3.70 13.18 7.78
CA VAL B 285 -4.78 13.57 6.84
C VAL B 285 -6.14 13.02 7.32
N MET B 286 -6.16 11.82 7.89
CA MET B 286 -7.38 11.17 8.41
C MET B 286 -7.84 11.91 9.69
N SER B 287 -6.92 12.34 10.54
CA SER B 287 -7.26 13.13 11.76
C SER B 287 -7.93 14.44 11.34
N GLU B 288 -7.39 15.12 10.34
CA GLU B 288 -7.92 16.42 9.88
C GLU B 288 -9.29 16.18 9.24
N ALA B 289 -9.44 15.10 8.48
CA ALA B 289 -10.75 14.72 7.86
C ALA B 289 -11.82 14.65 8.97
N VAL B 290 -11.52 13.96 10.09
CA VAL B 290 -12.47 13.83 11.24
C VAL B 290 -12.79 15.24 11.78
N LYS B 291 -11.78 16.08 11.99
CA LYS B 291 -11.95 17.48 12.44
C LYS B 291 -12.83 18.25 11.44
N LYS B 292 -12.75 17.93 10.15
CA LYS B 292 -13.57 18.60 9.10
C LYS B 292 -14.96 17.93 8.98
N GLY B 293 -15.24 16.90 9.78
CA GLY B 293 -16.55 16.22 9.83
C GLY B 293 -16.73 15.17 8.73
N LYS B 294 -15.65 14.62 8.19
CA LYS B 294 -15.70 13.57 7.13
C LYS B 294 -15.39 12.21 7.76
N GLY B 295 -15.42 12.12 9.11
CA GLY B 295 -15.09 10.89 9.87
C GLY B 295 -15.88 9.69 9.39
N GLY B 296 -17.11 9.89 8.91
CA GLY B 296 -18.01 8.79 8.46
C GLY B 296 -17.86 8.45 6.99
N GLU B 297 -17.11 9.25 6.22
CA GLU B 297 -16.81 8.96 4.79
C GLU B 297 -15.76 7.83 4.71
N SER B 298 -15.73 7.11 3.59
CA SER B 298 -14.69 6.12 3.23
C SER B 298 -13.41 6.85 2.78
N ILE B 299 -12.34 6.10 2.52
CA ILE B 299 -11.02 6.69 2.16
C ILE B 299 -11.16 7.51 0.85
N ALA B 300 -12.18 7.23 0.02
CA ALA B 300 -12.48 8.05 -1.19
C ALA B 300 -12.56 9.53 -0.82
N GLY B 301 -13.09 9.85 0.37
CA GLY B 301 -13.18 11.24 0.88
C GLY B 301 -11.84 11.88 1.23
N LEU B 302 -10.75 11.12 1.32
CA LEU B 302 -9.39 11.70 1.55
C LEU B 302 -8.88 12.38 0.24
N VAL B 303 -9.37 11.98 -0.94
CA VAL B 303 -8.81 12.51 -2.22
C VAL B 303 -9.01 14.02 -2.24
N PRO B 304 -10.23 14.58 -2.08
CA PRO B 304 -10.39 16.03 -2.04
C PRO B 304 -9.57 16.76 -0.96
N MET B 305 -9.20 16.09 0.14
CA MET B 305 -8.28 16.67 1.15
C MET B 305 -6.98 17.04 0.45
N LEU B 306 -6.56 16.25 -0.53
CA LEU B 306 -5.28 16.45 -1.27
C LEU B 306 -5.50 17.45 -2.42
N THR B 307 -6.51 17.24 -3.25
CA THR B 307 -6.71 18.07 -4.49
C THR B 307 -6.97 19.53 -4.13
N GLU B 308 -7.36 19.83 -2.89
CA GLU B 308 -7.84 21.18 -2.50
C GLU B 308 -6.74 22.02 -1.85
N LEU B 309 -5.60 21.46 -1.47
CA LEU B 309 -4.61 22.24 -0.67
C LEU B 309 -3.18 21.73 -0.91
N ASP B 310 -2.25 22.66 -1.16
CA ASP B 310 -0.80 22.41 -1.37
C ASP B 310 -0.18 22.25 0.01
N LYS B 311 -0.14 21.02 0.55
CA LYS B 311 0.36 20.78 1.91
C LYS B 311 1.08 19.43 1.95
N LYS B 312 2.25 19.37 2.60
CA LYS B 312 2.96 18.10 2.92
C LYS B 312 2.47 17.58 4.28
N TRP B 313 1.73 16.48 4.28
CA TRP B 313 1.05 15.92 5.48
C TRP B 313 2.01 15.11 6.37
#